data_1IQQ
#
_entry.id   1IQQ
#
_cell.length_a   45.65
_cell.length_b   52.59
_cell.length_c   47.57
_cell.angle_alpha   90.00
_cell.angle_beta   106.45
_cell.angle_gamma   90.00
#
_symmetry.space_group_name_H-M   'P 1 21 1'
#
loop_
_entity.id
_entity.type
_entity.pdbx_description
1 polymer S3-RNase
2 branched beta-D-xylopyranose-(1-2)-[alpha-D-mannopyranose-(1-3)]beta-D-mannopyranose-(1-4)-2-acetamido-2-deoxy-beta-D-glucopyranose-(1-4)-2-acetamido-2-deoxy-beta-D-glucopyranose
3 water water
#
_entity_poly.entity_id   1
_entity_poly.type   'polypeptide(L)'
_entity_poly.pdbx_seq_one_letter_code
;YDYFQFTQQYQLAVCNSNRTLCKDPPDKLFTVHGLWPSNMVGPDPSKCPIKNIRKREKLLEHQLEIIWPNVFDRTKNNLF
WDKEWMKHGSCGYPTIDNENHYFETVIKMYISKKQNVSRILSKAKIEPDGKKRALLDIENAIRNGADNKKPKLKCQKKGT
TTELVEITLCSDKSGEHFIDCPHPFEPISPHYCPTNNIKY
;
_entity_poly.pdbx_strand_id   A
#
# COMPACT_ATOMS: atom_id res chain seq x y z
N TYR A 1 12.21 -14.71 0.92
CA TYR A 1 10.76 -14.32 0.92
C TYR A 1 10.00 -15.19 -0.09
N ASP A 2 8.67 -15.21 0.03
CA ASP A 2 7.83 -16.02 -0.89
C ASP A 2 7.07 -15.18 -1.89
N TYR A 3 6.61 -14.00 -1.50
CA TYR A 3 5.72 -13.21 -2.42
C TYR A 3 5.77 -11.78 -1.98
N PHE A 4 5.13 -10.87 -2.73
CA PHE A 4 5.10 -9.47 -2.33
C PHE A 4 3.72 -8.98 -1.97
N GLN A 5 3.69 -8.09 -0.98
CA GLN A 5 2.50 -7.33 -0.65
C GLN A 5 2.77 -5.89 -1.06
N PHE A 6 1.97 -5.31 -1.93
CA PHE A 6 2.10 -3.88 -2.30
C PHE A 6 0.91 -3.22 -1.72
N THR A 7 1.15 -2.46 -0.65
CA THR A 7 0.04 -1.84 0.11
C THR A 7 -0.05 -0.36 -0.13
N GLN A 8 -1.24 0.13 -0.43
CA GLN A 8 -1.51 1.57 -0.64
C GLN A 8 -2.50 2.00 0.43
N GLN A 9 -2.42 3.28 0.79
CA GLN A 9 -3.22 3.87 1.90
C GLN A 9 -3.96 5.08 1.43
N TYR A 10 -5.23 5.22 1.83
CA TYR A 10 -6.07 6.37 1.45
C TYR A 10 -5.77 7.48 2.45
N GLN A 11 -5.08 8.52 1.97
CA GLN A 11 -4.56 9.53 2.89
C GLN A 11 -5.59 10.15 3.84
N LEU A 12 -6.77 10.46 3.29
CA LEU A 12 -7.82 11.09 4.12
C LEU A 12 -8.12 10.25 5.33
N ALA A 13 -8.20 8.93 5.15
CA ALA A 13 -8.48 8.07 6.26
C ALA A 13 -7.31 7.83 7.19
N VAL A 14 -6.10 7.72 6.64
CA VAL A 14 -4.91 7.55 7.46
C VAL A 14 -4.81 8.72 8.45
N CYS A 15 -5.13 9.91 7.94
CA CYS A 15 -5.00 11.14 8.80
C CYS A 15 -6.11 11.29 9.78
N ASN A 16 -7.05 10.34 9.75
CA ASN A 16 -8.18 10.27 10.69
C ASN A 16 -7.97 9.03 11.57
N SER A 17 -6.83 8.35 11.44
CA SER A 17 -6.61 7.10 12.17
C SER A 17 -6.11 7.13 13.63
N ASN A 18 -5.37 8.16 14.06
CA ASN A 18 -4.86 8.00 15.43
C ASN A 18 -4.40 9.26 16.09
N ARG A 19 -3.82 9.13 17.28
CA ARG A 19 -3.36 10.29 18.04
C ARG A 19 -2.22 11.05 17.36
N THR A 20 -1.78 10.58 16.20
CA THR A 20 -0.73 11.32 15.49
C THR A 20 -1.38 12.13 14.39
N LEU A 21 -1.21 13.41 14.55
CA LEU A 21 -1.77 14.35 13.63
C LEU A 21 -1.01 14.35 12.28
N CYS A 22 -1.69 14.50 11.15
CA CYS A 22 -1.01 14.74 9.86
C CYS A 22 -0.77 16.24 9.85
N LYS A 23 0.48 16.69 9.79
CA LYS A 23 0.78 18.11 9.83
C LYS A 23 0.48 18.71 8.44
N ASP A 24 0.48 17.85 7.40
CA ASP A 24 0.22 18.31 6.05
C ASP A 24 -1.23 17.86 5.68
N PRO A 25 -1.98 18.67 4.92
CA PRO A 25 -3.36 18.29 4.56
C PRO A 25 -3.36 17.09 3.60
N PRO A 26 -4.12 16.04 3.93
CA PRO A 26 -4.13 14.88 3.03
C PRO A 26 -4.94 15.10 1.79
N ASP A 27 -4.61 14.33 0.77
CA ASP A 27 -5.36 14.32 -0.46
C ASP A 27 -6.34 13.14 -0.38
N LYS A 28 -7.37 13.21 -1.23
CA LYS A 28 -8.32 12.07 -1.28
C LYS A 28 -7.79 11.06 -2.33
N LEU A 29 -6.61 10.52 -2.00
CA LEU A 29 -5.88 9.65 -2.89
C LEU A 29 -5.24 8.49 -2.13
N PHE A 30 -5.09 7.37 -2.87
CA PHE A 30 -4.30 6.23 -2.36
C PHE A 30 -2.85 6.43 -2.83
N THR A 31 -1.93 6.46 -1.90
CA THR A 31 -0.51 6.48 -2.24
C THR A 31 0.14 5.30 -1.55
N VAL A 32 1.43 5.07 -1.81
CA VAL A 32 2.05 3.90 -1.27
C VAL A 32 2.33 3.87 0.23
N HIS A 33 2.02 2.72 0.87
CA HIS A 33 2.38 2.50 2.28
C HIS A 33 3.54 1.52 2.38
N GLY A 34 3.63 0.54 1.50
CA GLY A 34 4.75 -0.36 1.56
C GLY A 34 4.83 -1.30 0.40
N LEU A 35 6.02 -1.88 0.21
CA LEU A 35 6.24 -3.01 -0.73
C LEU A 35 7.04 -4.00 0.11
N TRP A 36 6.32 -5.02 0.56
CA TRP A 36 6.92 -5.97 1.49
C TRP A 36 7.21 -7.35 1.01
N PRO A 37 8.47 -7.76 0.98
CA PRO A 37 8.81 -9.16 0.62
C PRO A 37 8.13 -9.89 1.82
N SER A 38 7.32 -10.90 1.54
CA SER A 38 6.50 -11.54 2.58
C SER A 38 6.55 -13.05 2.52
N ASN A 39 6.18 -13.70 3.62
CA ASN A 39 6.18 -15.17 3.67
C ASN A 39 4.78 -15.70 3.79
N MET A 40 4.55 -16.81 3.07
CA MET A 40 3.23 -17.41 3.09
C MET A 40 2.95 -18.02 4.47
N VAL A 41 3.97 -18.57 5.13
CA VAL A 41 3.77 -19.17 6.46
C VAL A 41 4.66 -18.47 7.48
N GLY A 42 4.05 -17.98 8.55
CA GLY A 42 4.80 -17.31 9.60
C GLY A 42 5.14 -15.88 9.29
N PRO A 43 5.96 -15.21 10.13
CA PRO A 43 6.34 -13.82 9.93
C PRO A 43 7.11 -13.54 8.69
N ASP A 44 6.93 -12.32 8.17
CA ASP A 44 7.67 -11.88 6.98
C ASP A 44 9.11 -11.59 7.33
N PRO A 45 10.03 -11.59 6.36
CA PRO A 45 11.44 -11.27 6.65
C PRO A 45 11.48 -9.76 6.96
N SER A 46 12.52 -9.36 7.70
CA SER A 46 12.72 -7.96 8.09
C SER A 46 14.18 -7.70 8.31
N LYS A 47 14.64 -6.52 7.86
CA LYS A 47 16.02 -6.10 8.06
C LYS A 47 17.01 -7.15 7.64
N CYS A 48 16.93 -7.51 6.37
CA CYS A 48 17.82 -8.51 5.84
C CYS A 48 19.20 -7.86 5.57
N PRO A 49 20.27 -8.65 5.64
CA PRO A 49 21.61 -8.07 5.39
C PRO A 49 21.68 -7.46 3.99
N ILE A 50 22.17 -6.24 3.90
CA ILE A 50 22.24 -5.56 2.60
C ILE A 50 23.37 -6.07 1.71
N LYS A 51 23.30 -5.77 0.41
CA LYS A 51 24.35 -6.15 -0.55
C LYS A 51 25.02 -4.95 -1.20
N ASN A 52 24.57 -3.73 -0.87
CA ASN A 52 25.10 -2.54 -1.49
C ASN A 52 24.57 -1.33 -0.70
N ILE A 53 25.19 -0.20 -0.91
CA ILE A 53 24.81 1.06 -0.25
C ILE A 53 24.79 2.07 -1.39
N ARG A 54 23.64 2.73 -1.54
CA ARG A 54 23.43 3.68 -2.64
C ARG A 54 22.78 4.97 -2.17
N LYS A 55 22.98 6.03 -2.93
CA LYS A 55 22.43 7.35 -2.64
C LYS A 55 21.27 7.58 -3.61
N ARG A 56 20.16 8.09 -3.08
CA ARG A 56 19.05 8.44 -3.98
C ARG A 56 19.24 9.81 -4.67
N GLU A 57 18.82 9.90 -5.96
CA GLU A 57 18.88 11.18 -6.70
C GLU A 57 17.66 11.99 -6.41
N LYS A 58 17.74 13.29 -6.65
CA LYS A 58 16.65 14.18 -6.34
C LYS A 58 15.44 13.82 -7.17
N LEU A 59 15.62 13.48 -8.45
CA LEU A 59 14.47 13.17 -9.29
C LEU A 59 13.69 12.00 -8.73
N LEU A 60 14.39 10.99 -8.21
CA LEU A 60 13.69 9.81 -7.60
C LEU A 60 12.94 10.32 -6.43
N GLU A 61 13.57 11.12 -5.56
CA GLU A 61 12.85 11.63 -4.40
C GLU A 61 11.65 12.48 -4.73
N HIS A 62 11.73 13.23 -5.83
CA HIS A 62 10.61 14.06 -6.23
C HIS A 62 9.41 13.18 -6.60
N GLN A 63 9.68 12.06 -7.24
CA GLN A 63 8.56 11.15 -7.60
C GLN A 63 8.02 10.51 -6.34
N LEU A 64 8.88 10.13 -5.43
CA LEU A 64 8.41 9.53 -4.18
C LEU A 64 7.62 10.55 -3.33
N GLU A 65 7.93 11.86 -3.43
CA GLU A 65 7.14 12.86 -2.70
C GLU A 65 5.66 12.79 -3.10
N ILE A 66 5.44 12.41 -4.36
CA ILE A 66 4.09 12.30 -4.91
C ILE A 66 3.47 10.92 -4.74
N ILE A 67 4.28 9.86 -4.88
CA ILE A 67 3.72 8.49 -4.93
C ILE A 67 3.86 7.83 -3.58
N TRP A 68 4.81 8.25 -2.78
CA TRP A 68 5.07 7.61 -1.49
C TRP A 68 5.39 8.62 -0.39
N PRO A 69 4.52 9.63 -0.21
CA PRO A 69 4.81 10.60 0.86
C PRO A 69 4.65 10.03 2.27
N ASN A 70 5.36 10.61 3.25
CA ASN A 70 5.12 10.36 4.68
C ASN A 70 3.97 11.37 4.89
N VAL A 71 2.75 10.86 4.98
CA VAL A 71 1.59 11.71 5.10
C VAL A 71 1.51 12.49 6.41
N PHE A 72 2.20 12.06 7.43
CA PHE A 72 2.16 12.75 8.73
C PHE A 72 3.05 14.00 8.73
N ASP A 73 4.16 13.97 8.00
CA ASP A 73 5.11 15.12 8.00
C ASP A 73 6.09 14.90 6.85
N ARG A 74 5.85 15.62 5.77
CA ARG A 74 6.70 15.49 4.59
C ARG A 74 8.18 15.88 4.84
N THR A 75 8.44 16.64 5.89
CA THR A 75 9.84 16.97 6.21
C THR A 75 10.60 15.74 6.71
N LYS A 76 9.91 14.64 7.06
CA LYS A 76 10.55 13.42 7.56
C LYS A 76 10.61 12.37 6.43
N ASN A 77 10.31 12.75 5.21
CA ASN A 77 10.36 11.82 4.08
C ASN A 77 11.69 11.07 3.95
N ASN A 78 12.85 11.73 4.05
CA ASN A 78 14.09 10.95 3.78
C ASN A 78 14.38 9.85 4.77
N LEU A 79 14.22 10.12 6.05
CA LEU A 79 14.47 9.08 7.05
C LEU A 79 13.39 8.02 6.92
N PHE A 80 12.17 8.42 6.58
CA PHE A 80 11.02 7.51 6.38
C PHE A 80 11.32 6.54 5.19
N TRP A 81 11.79 7.06 4.06
CA TRP A 81 12.13 6.14 2.98
C TRP A 81 13.34 5.24 3.36
N ASP A 82 14.34 5.81 4.05
CA ASP A 82 15.48 5.00 4.43
C ASP A 82 14.98 3.77 5.22
N LYS A 83 14.03 3.95 6.13
CA LYS A 83 13.54 2.80 6.95
C LYS A 83 12.75 1.77 6.10
N GLU A 84 12.01 2.27 5.11
CA GLU A 84 11.27 1.31 4.25
C GLU A 84 12.25 0.44 3.51
N TRP A 85 13.33 1.04 3.03
CA TRP A 85 14.34 0.24 2.37
C TRP A 85 14.99 -0.71 3.37
N MET A 86 15.47 -0.17 4.49
CA MET A 86 16.16 -1.07 5.41
C MET A 86 15.33 -2.20 5.98
N LYS A 87 14.08 -1.89 6.33
CA LYS A 87 13.23 -2.93 6.90
C LYS A 87 12.64 -3.90 5.91
N HIS A 88 12.22 -3.38 4.77
CA HIS A 88 11.55 -4.25 3.76
C HIS A 88 12.27 -4.48 2.43
N GLY A 89 12.66 -3.39 1.74
CA GLY A 89 13.30 -3.50 0.42
C GLY A 89 14.50 -4.43 0.46
N SER A 90 15.26 -4.33 1.55
CA SER A 90 16.50 -5.14 1.71
C SER A 90 16.25 -6.64 1.67
N CYS A 91 15.01 -7.06 1.88
CA CYS A 91 14.68 -8.47 1.87
C CYS A 91 14.20 -9.00 0.54
N GLY A 92 14.24 -8.17 -0.49
CA GLY A 92 13.74 -8.71 -1.76
C GLY A 92 14.76 -9.07 -2.83
N TYR A 93 16.06 -9.26 -2.49
CA TYR A 93 17.14 -9.53 -3.45
C TYR A 93 16.92 -10.96 -3.97
N PRO A 94 17.25 -11.19 -5.26
CA PRO A 94 17.79 -10.21 -6.18
C PRO A 94 16.71 -9.53 -7.00
N THR A 95 15.43 -9.96 -6.87
CA THR A 95 14.36 -9.31 -7.64
C THR A 95 14.44 -7.80 -7.40
N ILE A 96 14.65 -7.42 -6.14
CA ILE A 96 14.93 -5.98 -5.81
C ILE A 96 16.49 -5.91 -5.62
N ASP A 97 17.16 -5.17 -6.51
CA ASP A 97 18.63 -5.19 -6.48
C ASP A 97 19.30 -4.30 -5.46
N ASN A 98 18.73 -3.12 -5.23
CA ASN A 98 19.41 -2.14 -4.40
C ASN A 98 18.35 -1.10 -4.05
N GLU A 99 18.72 -0.15 -3.21
CA GLU A 99 17.76 0.86 -2.75
C GLU A 99 17.08 1.65 -3.85
N ASN A 100 17.86 2.12 -4.80
CA ASN A 100 17.25 2.90 -5.90
C ASN A 100 16.29 1.98 -6.71
N HIS A 101 16.70 0.74 -6.99
CA HIS A 101 15.88 -0.18 -7.74
C HIS A 101 14.59 -0.49 -6.99
N TYR A 102 14.67 -0.55 -5.68
CA TYR A 102 13.45 -0.79 -4.89
C TYR A 102 12.42 0.32 -5.11
N PHE A 103 12.82 1.56 -5.02
CA PHE A 103 11.89 2.64 -5.20
C PHE A 103 11.48 2.78 -6.66
N GLU A 104 12.42 2.55 -7.59
CA GLU A 104 12.02 2.59 -9.01
C GLU A 104 11.03 1.49 -9.30
N THR A 105 11.16 0.34 -8.64
CA THR A 105 10.22 -0.78 -8.84
C THR A 105 8.82 -0.37 -8.35
N VAL A 106 8.74 0.28 -7.17
CA VAL A 106 7.41 0.77 -6.70
C VAL A 106 6.78 1.76 -7.64
N ILE A 107 7.58 2.69 -8.19
CA ILE A 107 7.05 3.69 -9.14
C ILE A 107 6.57 2.99 -10.40
N LYS A 108 7.32 1.97 -10.83
CA LYS A 108 6.94 1.18 -12.01
C LYS A 108 5.59 0.48 -11.77
N MET A 109 5.40 -0.05 -10.56
CA MET A 109 4.11 -0.70 -10.29
C MET A 109 2.98 0.31 -10.26
N TYR A 110 3.16 1.40 -9.54
CA TYR A 110 2.10 2.38 -9.38
C TYR A 110 1.71 3.12 -10.66
N ILE A 111 2.73 3.53 -11.44
CA ILE A 111 2.49 4.33 -12.63
C ILE A 111 2.46 3.45 -13.88
N SER A 112 3.59 2.90 -14.30
CA SER A 112 3.63 2.13 -15.55
C SER A 112 2.65 0.99 -15.64
N LYS A 113 2.55 0.23 -14.55
CA LYS A 113 1.67 -0.92 -14.52
C LYS A 113 0.26 -0.58 -14.06
N LYS A 114 -0.02 0.71 -13.90
CA LYS A 114 -1.37 1.14 -13.53
C LYS A 114 -1.95 0.61 -12.24
N GLN A 115 -1.11 0.40 -11.22
CA GLN A 115 -1.59 -0.16 -9.95
C GLN A 115 -2.03 0.90 -8.93
N ASN A 116 -2.09 2.16 -9.34
CA ASN A 116 -2.61 3.25 -8.49
C ASN A 116 -4.08 2.87 -8.14
N VAL A 117 -4.28 2.55 -6.84
CA VAL A 117 -5.58 2.08 -6.43
C VAL A 117 -6.66 3.11 -6.62
N SER A 118 -6.35 4.39 -6.53
CA SER A 118 -7.40 5.41 -6.81
C SER A 118 -7.90 5.27 -8.25
N ARG A 119 -6.94 4.95 -9.15
CA ARG A 119 -7.32 4.81 -10.56
C ARG A 119 -8.13 3.54 -10.82
N ILE A 120 -7.71 2.40 -10.21
CA ILE A 120 -8.45 1.16 -10.37
C ILE A 120 -9.88 1.34 -9.87
N LEU A 121 -10.08 1.96 -8.72
CA LEU A 121 -11.42 2.20 -8.20
C LEU A 121 -12.20 3.14 -9.11
N SER A 122 -11.55 4.20 -9.57
CA SER A 122 -12.23 5.15 -10.46
C SER A 122 -12.70 4.48 -11.75
N LYS A 123 -11.91 3.54 -12.30
CA LYS A 123 -12.32 2.87 -13.51
C LYS A 123 -13.60 2.06 -13.30
N ALA A 124 -13.84 1.61 -12.05
CA ALA A 124 -15.06 0.87 -11.65
C ALA A 124 -16.16 1.79 -11.13
N LYS A 125 -16.04 3.09 -11.42
CA LYS A 125 -17.05 4.08 -10.99
C LYS A 125 -17.07 4.35 -9.48
N ILE A 126 -15.95 4.12 -8.82
CA ILE A 126 -15.90 4.36 -7.36
C ILE A 126 -14.90 5.49 -7.10
N GLU A 127 -15.48 6.66 -6.78
CA GLU A 127 -14.67 7.87 -6.53
C GLU A 127 -14.72 8.12 -5.03
N PRO A 128 -13.76 8.93 -4.48
CA PRO A 128 -13.70 9.23 -3.03
C PRO A 128 -14.75 10.31 -2.66
N ASP A 129 -16.00 9.89 -2.80
CA ASP A 129 -17.16 10.74 -2.59
C ASP A 129 -17.73 10.65 -1.17
N GLY A 130 -17.16 9.80 -0.33
CA GLY A 130 -17.60 9.64 1.05
C GLY A 130 -18.91 8.90 1.17
N LYS A 131 -19.18 7.97 0.26
CA LYS A 131 -20.40 7.19 0.29
C LYS A 131 -20.21 5.88 1.04
N LYS A 132 -21.31 5.30 1.57
CA LYS A 132 -21.23 4.02 2.25
C LYS A 132 -21.33 2.99 1.15
N ARG A 133 -20.43 2.02 1.20
CA ARG A 133 -20.37 1.03 0.13
C ARG A 133 -20.40 -0.42 0.63
N ALA A 134 -20.83 -1.33 -0.26
CA ALA A 134 -20.71 -2.74 0.04
C ALA A 134 -19.27 -3.21 -0.18
N LEU A 135 -18.76 -4.05 0.70
CA LEU A 135 -17.39 -4.58 0.56
C LEU A 135 -17.19 -5.25 -0.79
N LEU A 136 -18.17 -6.01 -1.27
CA LEU A 136 -17.98 -6.76 -2.52
C LEU A 136 -17.79 -5.83 -3.68
N ASP A 137 -18.41 -4.64 -3.65
CA ASP A 137 -18.23 -3.73 -4.79
C ASP A 137 -16.79 -3.20 -4.79
N ILE A 138 -16.20 -2.91 -3.62
CA ILE A 138 -14.82 -2.46 -3.59
C ILE A 138 -13.91 -3.62 -4.07
N GLU A 139 -14.09 -4.83 -3.52
CA GLU A 139 -13.34 -6.00 -3.93
C GLU A 139 -13.47 -6.30 -5.42
N ASN A 140 -14.68 -6.23 -5.95
CA ASN A 140 -14.87 -6.52 -7.39
C ASN A 140 -14.09 -5.51 -8.19
N ALA A 141 -14.10 -4.24 -7.81
CA ALA A 141 -13.38 -3.20 -8.55
C ALA A 141 -11.88 -3.49 -8.57
N ILE A 142 -11.31 -3.83 -7.43
CA ILE A 142 -9.89 -4.12 -7.43
C ILE A 142 -9.56 -5.38 -8.22
N ARG A 143 -10.34 -6.43 -8.08
CA ARG A 143 -10.05 -7.70 -8.81
C ARG A 143 -10.12 -7.43 -10.31
N ASN A 144 -10.97 -6.51 -10.74
CA ASN A 144 -11.07 -6.20 -12.19
C ASN A 144 -9.84 -5.47 -12.72
N GLY A 145 -9.01 -4.90 -11.84
CA GLY A 145 -7.80 -4.24 -12.29
C GLY A 145 -6.59 -5.02 -11.86
N ALA A 146 -6.79 -6.24 -11.32
CA ALA A 146 -5.66 -7.02 -10.82
C ALA A 146 -5.74 -8.52 -11.10
N ASP A 147 -6.09 -8.80 -12.36
CA ASP A 147 -6.01 -10.18 -12.83
C ASP A 147 -6.87 -11.16 -12.04
N ASN A 148 -8.02 -10.69 -11.55
CA ASN A 148 -8.97 -11.49 -10.80
C ASN A 148 -8.47 -11.83 -9.43
N LYS A 149 -7.27 -11.38 -8.98
CA LYS A 149 -6.71 -11.78 -7.70
C LYS A 149 -7.28 -10.98 -6.54
N LYS A 150 -7.40 -11.67 -5.42
CA LYS A 150 -8.05 -11.05 -4.25
C LYS A 150 -7.13 -10.18 -3.42
N PRO A 151 -7.57 -8.96 -3.22
CA PRO A 151 -6.75 -8.03 -2.43
C PRO A 151 -7.00 -8.21 -0.95
N LYS A 152 -6.12 -7.63 -0.16
CA LYS A 152 -6.29 -7.61 1.29
C LYS A 152 -6.68 -6.17 1.62
N LEU A 153 -7.79 -6.02 2.37
CA LEU A 153 -8.30 -4.68 2.72
C LEU A 153 -8.19 -4.42 4.22
N LYS A 154 -7.98 -3.14 4.55
CA LYS A 154 -7.90 -2.69 5.95
C LYS A 154 -8.90 -1.55 6.08
N CYS A 155 -9.70 -1.60 7.15
CA CYS A 155 -10.68 -0.55 7.46
C CYS A 155 -10.44 -0.05 8.91
N GLN A 156 -11.14 1.02 9.29
CA GLN A 156 -11.05 1.45 10.69
C GLN A 156 -12.41 1.95 11.10
N LYS A 157 -12.74 1.80 12.39
CA LYS A 157 -14.03 2.30 12.87
C LYS A 157 -13.83 3.59 13.68
N LYS A 158 -14.68 4.57 13.40
CA LYS A 158 -14.61 5.88 14.06
C LYS A 158 -16.02 6.13 14.48
N GLY A 159 -16.34 5.94 15.75
CA GLY A 159 -17.72 6.18 16.13
C GLY A 159 -18.61 5.20 15.41
N THR A 160 -19.66 5.67 14.77
CA THR A 160 -20.51 4.78 14.05
C THR A 160 -20.09 4.66 12.60
N THR A 161 -18.94 5.24 12.22
CA THR A 161 -18.54 5.19 10.79
C THR A 161 -17.32 4.25 10.58
N THR A 162 -17.46 3.26 9.67
CA THR A 162 -16.32 2.38 9.32
C THR A 162 -15.81 2.93 7.97
N GLU A 163 -14.52 3.25 7.91
CA GLU A 163 -13.96 3.70 6.60
C GLU A 163 -12.85 2.82 6.08
N LEU A 164 -12.77 2.79 4.75
CA LEU A 164 -11.68 2.06 4.03
C LEU A 164 -10.35 2.84 4.26
N VAL A 165 -9.28 2.11 4.55
CA VAL A 165 -7.99 2.77 4.83
C VAL A 165 -6.87 2.20 3.94
N GLU A 166 -6.74 0.90 3.75
CA GLU A 166 -5.64 0.37 2.94
C GLU A 166 -6.10 -0.73 2.02
N ILE A 167 -5.45 -0.80 0.86
CA ILE A 167 -5.73 -1.90 -0.10
C ILE A 167 -4.37 -2.44 -0.51
N THR A 168 -4.18 -3.77 -0.41
CA THR A 168 -2.96 -4.42 -0.76
C THR A 168 -3.17 -5.32 -1.94
N LEU A 169 -2.29 -5.22 -2.95
CA LEU A 169 -2.27 -6.10 -4.12
C LEU A 169 -1.09 -7.04 -3.89
N CYS A 170 -1.28 -8.35 -3.98
CA CYS A 170 -0.20 -9.31 -3.75
C CYS A 170 0.29 -9.88 -5.07
N SER A 171 1.59 -10.20 -5.14
CA SER A 171 2.17 -10.76 -6.37
C SER A 171 3.13 -11.81 -6.05
N ASP A 172 3.49 -12.59 -7.06
CA ASP A 172 4.42 -13.68 -6.88
C ASP A 172 5.84 -13.26 -6.59
N LYS A 173 6.71 -14.25 -6.36
CA LYS A 173 8.06 -13.94 -5.98
C LYS A 173 8.80 -13.00 -6.94
N SER A 174 8.48 -13.05 -8.23
CA SER A 174 9.09 -12.12 -9.20
C SER A 174 8.40 -10.76 -9.28
N GLY A 175 7.24 -10.64 -8.67
CA GLY A 175 6.47 -9.44 -8.74
C GLY A 175 5.84 -9.26 -10.12
N GLU A 176 5.88 -10.27 -10.98
CA GLU A 176 5.34 -10.11 -12.34
C GLU A 176 3.92 -10.56 -12.54
N HIS A 177 3.38 -11.40 -11.65
CA HIS A 177 1.98 -11.85 -11.76
C HIS A 177 1.36 -11.66 -10.41
N PHE A 178 0.10 -11.20 -10.37
CA PHE A 178 -0.61 -11.09 -9.10
C PHE A 178 -0.99 -12.48 -8.58
N ILE A 179 -1.15 -12.57 -7.28
CA ILE A 179 -1.68 -13.73 -6.62
C ILE A 179 -2.69 -13.26 -5.61
N ASP A 180 -3.57 -14.18 -5.18
CA ASP A 180 -4.49 -13.80 -4.12
C ASP A 180 -3.67 -13.52 -2.84
N CYS A 181 -4.10 -12.51 -2.06
CA CYS A 181 -3.42 -12.20 -0.81
C CYS A 181 -3.86 -13.23 0.25
N PRO A 182 -2.88 -13.87 0.91
CA PRO A 182 -3.20 -14.85 1.94
C PRO A 182 -3.43 -14.01 3.27
N HIS A 183 -3.93 -14.61 4.29
CA HIS A 183 -4.04 -13.87 5.53
C HIS A 183 -4.88 -12.59 5.68
N PRO A 184 -6.15 -12.65 5.25
CA PRO A 184 -7.02 -11.47 5.41
C PRO A 184 -7.29 -11.33 6.91
N PHE A 185 -7.63 -10.11 7.30
CA PHE A 185 -7.97 -9.90 8.72
C PHE A 185 -9.22 -10.68 9.18
N GLU A 186 -9.21 -11.15 10.43
CA GLU A 186 -10.37 -11.88 11.01
C GLU A 186 -11.40 -10.84 11.44
N PRO A 187 -12.68 -11.25 11.49
CA PRO A 187 -13.73 -10.30 11.84
C PRO A 187 -13.67 -9.61 13.18
N ILE A 188 -13.05 -10.25 14.17
CA ILE A 188 -12.96 -9.60 15.48
C ILE A 188 -12.04 -8.42 15.50
N SER A 189 -11.12 -8.34 14.52
CA SER A 189 -10.15 -7.27 14.52
C SER A 189 -10.73 -5.88 14.19
N PRO A 190 -10.21 -4.86 14.85
CA PRO A 190 -10.72 -3.53 14.55
C PRO A 190 -10.17 -3.09 13.15
N HIS A 191 -9.29 -3.87 12.50
CA HIS A 191 -8.79 -3.54 11.15
C HIS A 191 -9.61 -4.22 10.05
N TYR A 192 -10.55 -5.07 10.47
CA TYR A 192 -11.37 -5.83 9.52
C TYR A 192 -12.37 -4.98 8.80
N CYS A 193 -12.57 -5.25 7.52
CA CYS A 193 -13.60 -4.55 6.77
C CYS A 193 -14.89 -5.37 6.75
N PRO A 194 -15.99 -4.82 7.25
CA PRO A 194 -17.25 -5.56 7.27
C PRO A 194 -17.88 -5.67 5.90
N THR A 195 -18.92 -6.49 5.77
CA THR A 195 -19.53 -6.67 4.46
C THR A 195 -20.30 -5.48 3.91
N ASN A 196 -20.74 -4.55 4.75
CA ASN A 196 -21.49 -3.44 4.26
C ASN A 196 -21.18 -2.18 5.05
N ASN A 197 -21.56 -1.06 4.45
CA ASN A 197 -21.37 0.25 5.05
C ASN A 197 -19.97 0.71 5.27
N ILE A 198 -19.11 0.45 4.29
CA ILE A 198 -17.74 0.96 4.34
C ILE A 198 -17.71 2.32 3.66
N LYS A 199 -17.26 3.35 4.35
CA LYS A 199 -17.20 4.67 3.74
C LYS A 199 -15.93 4.87 2.88
N TYR A 200 -16.18 5.38 1.66
CA TYR A 200 -15.08 5.82 0.78
C TYR A 200 -15.71 6.85 -0.16
#